data_5Y2Y
#
_entry.id   5Y2Y
#
_cell.length_a   44.393
_cell.length_b   72.355
_cell.length_c   174.942
_cell.angle_alpha   90.00
_cell.angle_beta   90.00
_cell.angle_gamma   90.00
#
_symmetry.space_group_name_H-M   'P 21 21 21'
#
loop_
_entity.id
_entity.type
_entity.pdbx_description
1 polymer 'Haloalkane dehalogenase'
2 non-polymer 5-(dimethylamino)-~{N}-[2-(2-hexoxyethoxy)ethyl]naphthalene-1-sulfonamide
3 non-polymer 'CHLORIDE ION'
4 water water
#
_entity_poly.entity_id   1
_entity_poly.type   'polypeptide(L)'
_entity_poly.pdbx_seq_one_letter_code
;SGSAEIGTGFPFDPHYVEVLGERMHYVDVGPRDGTPVLFLHGNPTSSYVWRNIIPHVAPTHRCIAPDLIGMGKSDKPDLG
YFFDDHVRFMDAFIEALGLEEVVLVIHDWGSALGFHWAKRNPERVKGIAFMEFIRPIPTWDEWPEFARETFQAFRTTDVG
RKLIIDQNVFIEGTLPCGVVRPLTEVEMDHYREPFLNPVDREPLWRFPNELPIAGEPANIVALVEEYMDWLHQSPVPKLL
FWGTPGVLIPPAEAARLAKSLPNCKAVDIGPGLNLLQEDNPDLIGSEIARWLSTLEISG
;
_entity_poly.pdbx_strand_id   A,B
#
loop_
_chem_comp.id
_chem_comp.type
_chem_comp.name
_chem_comp.formula
8LL non-polymer 5-(dimethylamino)-~{N}-[2-(2-hexoxyethoxy)ethyl]naphthalene-1-sulfonamide 'C22 H34 N2 O4 S'
CL non-polymer 'CHLORIDE ION' 'Cl -1'
#
# COMPACT_ATOMS: atom_id res chain seq x y z
N GLU A 5 10.95 6.35 -8.70
CA GLU A 5 10.26 7.56 -9.17
C GLU A 5 9.14 7.23 -10.14
N ILE A 6 7.90 7.39 -9.70
CA ILE A 6 6.76 7.19 -10.58
C ILE A 6 6.61 8.44 -11.45
N GLY A 7 6.66 8.26 -12.77
CA GLY A 7 6.71 9.39 -13.69
C GLY A 7 5.48 10.27 -13.53
N THR A 8 5.66 11.57 -13.67
CA THR A 8 4.59 12.52 -13.53
C THR A 8 4.21 13.12 -14.88
N GLY A 9 5.05 12.90 -15.89
CA GLY A 9 4.81 13.44 -17.21
C GLY A 9 3.72 12.71 -18.01
N PHE A 10 3.20 13.38 -19.03
CA PHE A 10 2.20 12.82 -19.95
C PHE A 10 2.72 13.01 -21.38
N PRO A 11 3.64 12.15 -21.81
CA PRO A 11 4.32 12.45 -23.09
C PRO A 11 3.62 11.90 -24.34
N PHE A 12 2.30 12.09 -24.45
CA PHE A 12 1.57 11.50 -25.57
C PHE A 12 1.03 12.64 -26.43
N ASP A 13 1.24 12.54 -27.74
CA ASP A 13 0.65 13.49 -28.68
C ASP A 13 -0.85 13.44 -28.54
N PRO A 14 -1.51 14.58 -28.55
CA PRO A 14 -2.98 14.53 -28.44
C PRO A 14 -3.63 14.07 -29.74
N HIS A 15 -4.64 13.18 -29.69
CA HIS A 15 -5.43 12.90 -30.91
C HIS A 15 -6.87 13.21 -30.58
N TYR A 16 -7.63 13.62 -31.57
CA TYR A 16 -9.02 13.96 -31.37
C TYR A 16 -9.87 13.28 -32.43
N VAL A 17 -11.07 12.84 -32.06
CA VAL A 17 -12.03 12.37 -33.06
C VAL A 17 -13.41 12.96 -32.70
N GLU A 18 -14.20 13.25 -33.73
CA GLU A 18 -15.49 13.86 -33.52
C GLU A 18 -16.52 12.74 -33.26
N VAL A 19 -17.25 12.88 -32.16
CA VAL A 19 -18.16 11.86 -31.70
C VAL A 19 -19.44 12.52 -31.23
N LEU A 20 -20.55 12.24 -31.91
CA LEU A 20 -21.84 12.81 -31.54
C LEU A 20 -21.78 14.33 -31.39
N GLY A 21 -21.05 15.00 -32.28
CA GLY A 21 -21.00 16.45 -32.29
C GLY A 21 -19.97 17.04 -31.34
N GLU A 22 -19.21 16.17 -30.67
CA GLU A 22 -18.24 16.62 -29.67
C GLU A 22 -16.86 16.06 -29.94
N ARG A 23 -15.83 16.80 -29.57
CA ARG A 23 -14.49 16.30 -29.77
C ARG A 23 -14.09 15.43 -28.56
N MET A 24 -13.72 14.18 -28.81
CA MET A 24 -13.11 13.36 -27.78
C MET A 24 -11.59 13.23 -28.02
N HIS A 25 -10.82 13.46 -26.94
CA HIS A 25 -9.38 13.32 -26.95
C HIS A 25 -8.97 11.88 -26.60
N TYR A 26 -7.92 11.37 -27.26
CA TYR A 26 -7.37 10.07 -26.88
C TYR A 26 -5.85 9.98 -27.16
N VAL A 27 -5.19 9.17 -26.32
CA VAL A 27 -3.85 8.64 -26.57
C VAL A 27 -3.91 7.49 -27.57
N ASP A 28 -2.93 7.42 -28.48
CA ASP A 28 -2.87 6.39 -29.50
C ASP A 28 -1.40 6.10 -29.81
N VAL A 29 -0.84 5.05 -29.22
CA VAL A 29 0.58 4.76 -29.41
C VAL A 29 0.74 3.28 -29.67
N GLY A 30 1.95 2.86 -30.00
CA GLY A 30 2.25 1.47 -30.29
C GLY A 30 2.05 1.18 -31.77
N PRO A 31 2.36 -0.05 -32.21
CA PRO A 31 2.23 -0.47 -33.61
C PRO A 31 0.78 -0.36 -34.11
N ARG A 32 0.61 -0.03 -35.38
CA ARG A 32 -0.70 0.20 -35.97
C ARG A 32 -1.48 -1.10 -36.18
N ASP A 33 -0.74 -2.19 -36.29
CA ASP A 33 -1.33 -3.50 -36.58
C ASP A 33 -1.69 -4.30 -35.31
N GLY A 34 -2.38 -5.42 -35.49
CA GLY A 34 -2.68 -6.31 -34.38
C GLY A 34 -3.92 -5.87 -33.62
N THR A 35 -4.29 -6.66 -32.61
CA THR A 35 -5.40 -6.31 -31.74
C THR A 35 -5.09 -5.10 -30.88
N PRO A 36 -5.93 -4.06 -30.94
CA PRO A 36 -5.69 -2.91 -30.08
C PRO A 36 -6.07 -3.13 -28.59
N VAL A 37 -5.36 -2.43 -27.70
CA VAL A 37 -5.63 -2.44 -26.27
C VAL A 37 -6.23 -1.11 -25.87
N LEU A 38 -7.48 -1.16 -25.40
CA LEU A 38 -8.27 0.03 -25.08
C LEU A 38 -8.39 0.28 -23.55
N PHE A 39 -7.85 1.41 -23.10
CA PHE A 39 -7.79 1.75 -21.69
C PHE A 39 -8.91 2.74 -21.34
N LEU A 40 -9.75 2.38 -20.36
CA LEU A 40 -10.87 3.24 -19.93
C LEU A 40 -10.73 3.66 -18.46
N HIS A 41 -10.58 4.97 -18.25
CA HIS A 41 -10.41 5.57 -16.94
C HIS A 41 -11.77 5.81 -16.31
N GLY A 42 -11.77 6.17 -15.03
CA GLY A 42 -13.02 6.45 -14.37
C GLY A 42 -13.08 7.84 -13.77
N ASN A 43 -13.72 7.94 -12.61
CA ASN A 43 -13.90 9.21 -11.92
C ASN A 43 -12.89 9.30 -10.73
N PRO A 44 -12.20 10.45 -10.59
CA PRO A 44 -12.26 11.67 -11.39
C PRO A 44 -11.03 11.84 -12.26
N THR A 45 -10.63 10.77 -12.96
CA THR A 45 -9.32 10.76 -13.63
C THR A 45 -9.43 11.04 -15.14
N SER A 46 -8.39 10.67 -15.89
CA SER A 46 -8.40 10.75 -17.35
C SER A 46 -7.43 9.70 -17.89
N SER A 47 -7.07 9.80 -19.16
CA SER A 47 -6.04 8.90 -19.70
C SER A 47 -4.71 9.06 -18.94
N TYR A 48 -4.56 10.19 -18.25
CA TYR A 48 -3.39 10.44 -17.43
C TYR A 48 -3.15 9.33 -16.43
N VAL A 49 -4.23 8.71 -15.91
CA VAL A 49 -4.08 7.63 -14.94
C VAL A 49 -3.37 6.39 -15.52
N TRP A 50 -3.26 6.32 -16.86
CA TRP A 50 -2.66 5.16 -17.52
C TRP A 50 -1.22 5.42 -17.94
N ARG A 51 -0.73 6.63 -17.66
CA ARG A 51 0.53 7.11 -18.28
C ARG A 51 1.73 6.20 -18.01
N ASN A 52 1.73 5.52 -16.85
CA ASN A 52 2.87 4.70 -16.49
C ASN A 52 2.59 3.23 -16.71
N ILE A 53 1.42 2.94 -17.27
CA ILE A 53 1.08 1.56 -17.55
C ILE A 53 1.26 1.31 -19.03
N ILE A 54 0.73 2.21 -19.83
CA ILE A 54 0.84 2.11 -21.29
C ILE A 54 2.25 1.80 -21.83
N PRO A 55 3.29 2.43 -21.27
CA PRO A 55 4.63 2.12 -21.83
C PRO A 55 5.07 0.67 -21.71
N HIS A 56 4.45 -0.12 -20.84
CA HIS A 56 4.78 -1.54 -20.70
C HIS A 56 4.12 -2.32 -21.82
N VAL A 57 3.09 -1.73 -22.40
CA VAL A 57 2.26 -2.40 -23.40
C VAL A 57 2.58 -1.91 -24.82
N ALA A 58 2.85 -0.61 -24.96
CA ALA A 58 3.13 -0.01 -26.28
C ALA A 58 4.32 -0.61 -27.07
N PRO A 59 5.30 -1.27 -26.41
CA PRO A 59 6.31 -1.88 -27.29
C PRO A 59 5.74 -2.90 -28.29
N THR A 60 4.70 -3.64 -27.92
CA THR A 60 4.20 -4.70 -28.80
C THR A 60 2.71 -4.60 -29.13
N HIS A 61 2.02 -3.60 -28.60
CA HIS A 61 0.57 -3.46 -28.89
C HIS A 61 0.11 -2.03 -29.05
N ARG A 62 -0.88 -1.83 -29.91
CA ARG A 62 -1.54 -0.56 -30.01
C ARG A 62 -2.25 -0.25 -28.68
N CYS A 63 -2.03 0.94 -28.17
CA CYS A 63 -2.69 1.44 -26.96
C CYS A 63 -3.53 2.66 -27.30
N ILE A 64 -4.83 2.55 -27.01
CA ILE A 64 -5.77 3.65 -27.21
C ILE A 64 -6.35 3.99 -25.83
N ALA A 65 -6.23 5.24 -25.41
CA ALA A 65 -6.73 5.64 -24.10
C ALA A 65 -7.50 6.93 -24.24
N PRO A 66 -8.83 6.86 -24.41
CA PRO A 66 -9.66 8.06 -24.52
C PRO A 66 -9.91 8.74 -23.17
N ASP A 67 -10.20 10.03 -23.25
CA ASP A 67 -10.74 10.80 -22.13
C ASP A 67 -12.27 10.80 -22.25
N LEU A 68 -12.96 10.40 -21.18
CA LEU A 68 -14.44 10.45 -21.22
C LEU A 68 -14.93 11.83 -21.61
N ILE A 69 -16.11 11.89 -22.21
CA ILE A 69 -16.71 13.16 -22.57
C ILE A 69 -16.81 14.00 -21.30
N GLY A 70 -16.46 15.29 -21.36
CA GLY A 70 -16.54 16.17 -20.22
C GLY A 70 -15.35 16.05 -19.28
N MET A 71 -14.41 15.19 -19.66
CA MET A 71 -13.26 14.94 -18.81
C MET A 71 -11.97 15.04 -19.63
N GLY A 72 -10.84 15.08 -18.93
CA GLY A 72 -9.55 15.15 -19.57
C GLY A 72 -9.52 16.31 -20.54
N LYS A 73 -9.03 16.01 -21.74
CA LYS A 73 -8.91 17.02 -22.79
C LYS A 73 -10.06 16.93 -23.81
N SER A 74 -11.06 16.08 -23.54
CA SER A 74 -12.23 15.96 -24.38
C SER A 74 -13.11 17.21 -24.23
N ASP A 75 -14.03 17.42 -25.18
CA ASP A 75 -14.92 18.57 -25.13
C ASP A 75 -15.85 18.46 -23.95
N LYS A 76 -16.44 19.59 -23.56
CA LYS A 76 -17.21 19.63 -22.34
C LYS A 76 -18.58 20.30 -22.55
N PRO A 77 -19.47 19.63 -23.29
CA PRO A 77 -20.84 20.13 -23.58
C PRO A 77 -21.72 20.26 -22.34
N ASP A 78 -22.85 20.93 -22.50
CA ASP A 78 -23.77 21.08 -21.38
C ASP A 78 -24.69 19.87 -21.31
N LEU A 79 -24.21 18.80 -20.68
CA LEU A 79 -25.02 17.59 -20.46
C LEU A 79 -25.16 17.31 -18.97
N GLY A 80 -26.04 16.36 -18.64
CA GLY A 80 -26.17 15.85 -17.29
C GLY A 80 -25.05 14.88 -16.94
N TYR A 81 -24.38 14.37 -17.96
CA TYR A 81 -23.28 13.42 -17.80
C TYR A 81 -23.70 12.20 -17.01
N PHE A 82 -24.89 11.71 -17.31
CA PHE A 82 -25.35 10.42 -16.82
C PHE A 82 -24.48 9.31 -17.37
N PHE A 83 -24.50 8.14 -16.72
CA PHE A 83 -23.78 6.99 -17.24
C PHE A 83 -24.22 6.76 -18.67
N ASP A 84 -25.52 6.90 -18.92
CA ASP A 84 -26.04 6.70 -20.27
C ASP A 84 -25.41 7.63 -21.31
N ASP A 85 -25.15 8.89 -20.94
CA ASP A 85 -24.44 9.79 -21.87
C ASP A 85 -23.03 9.24 -22.18
N HIS A 86 -22.36 8.74 -21.14
CA HIS A 86 -21.03 8.16 -21.33
C HIS A 86 -21.06 6.90 -22.18
N VAL A 87 -22.11 6.10 -22.03
CA VAL A 87 -22.29 4.90 -22.85
C VAL A 87 -22.41 5.29 -24.32
N ARG A 88 -23.28 6.25 -24.60
CA ARG A 88 -23.45 6.71 -25.99
C ARG A 88 -22.12 7.21 -26.59
N PHE A 89 -21.40 8.05 -25.83
CA PHE A 89 -20.17 8.63 -26.38
C PHE A 89 -19.06 7.58 -26.56
N MET A 90 -18.98 6.62 -25.64
CA MET A 90 -17.94 5.60 -25.76
C MET A 90 -18.25 4.60 -26.88
N ASP A 91 -19.52 4.23 -27.04
CA ASP A 91 -19.95 3.41 -28.17
C ASP A 91 -19.50 4.07 -29.48
N ALA A 92 -19.85 5.34 -29.59
CA ALA A 92 -19.54 6.05 -30.80
C ALA A 92 -18.02 6.21 -31.02
N PHE A 93 -17.27 6.44 -29.93
CA PHE A 93 -15.81 6.58 -30.01
C PHE A 93 -15.21 5.29 -30.59
N ILE A 94 -15.66 4.15 -30.06
CA ILE A 94 -15.13 2.88 -30.55
C ILE A 94 -15.44 2.65 -32.03
N GLU A 95 -16.67 2.95 -32.45
CA GLU A 95 -16.96 2.78 -33.88
C GLU A 95 -16.19 3.77 -34.77
N ALA A 96 -16.04 5.00 -34.27
CA ALA A 96 -15.40 6.07 -35.05
C ALA A 96 -13.97 5.75 -35.32
N LEU A 97 -13.34 5.00 -34.42
CA LEU A 97 -11.96 4.54 -34.61
C LEU A 97 -11.94 3.25 -35.44
N GLY A 98 -13.10 2.72 -35.77
CA GLY A 98 -13.17 1.52 -36.58
C GLY A 98 -12.65 0.27 -35.88
N LEU A 99 -12.69 0.24 -34.55
CA LEU A 99 -12.18 -0.93 -33.84
C LEU A 99 -13.07 -2.12 -34.12
N GLU A 100 -12.45 -3.28 -34.28
CA GLU A 100 -13.19 -4.51 -34.45
C GLU A 100 -13.07 -5.35 -33.18
N GLU A 101 -12.05 -6.19 -33.11
CA GLU A 101 -11.77 -6.91 -31.88
C GLU A 101 -10.81 -6.04 -31.03
N VAL A 102 -11.01 -6.05 -29.72
CA VAL A 102 -10.20 -5.28 -28.77
C VAL A 102 -9.89 -6.08 -27.54
N VAL A 103 -8.84 -5.65 -26.84
CA VAL A 103 -8.63 -6.04 -25.44
C VAL A 103 -8.96 -4.81 -24.61
N LEU A 104 -9.69 -5.00 -23.51
CA LEU A 104 -10.06 -3.92 -22.61
C LEU A 104 -9.18 -3.89 -21.34
N VAL A 105 -8.75 -2.70 -20.94
CA VAL A 105 -8.10 -2.51 -19.66
C VAL A 105 -8.89 -1.42 -18.97
N ILE A 106 -9.62 -1.76 -17.93
CA ILE A 106 -10.64 -0.82 -17.49
C ILE A 106 -10.60 -0.62 -15.99
N HIS A 107 -11.11 0.53 -15.54
CA HIS A 107 -11.06 0.86 -14.12
C HIS A 107 -12.21 1.77 -13.67
N ASP A 108 -12.75 1.50 -12.46
CA ASP A 108 -13.77 2.36 -11.83
C ASP A 108 -14.95 2.55 -12.81
N TRP A 109 -15.39 3.77 -13.09
CA TRP A 109 -16.49 3.95 -14.05
C TRP A 109 -16.09 3.50 -15.47
N GLY A 110 -14.79 3.56 -15.76
CA GLY A 110 -14.33 3.05 -17.03
C GLY A 110 -14.69 1.57 -17.16
N SER A 111 -14.69 0.87 -16.03
CA SER A 111 -14.99 -0.56 -16.03
C SER A 111 -16.46 -0.79 -16.29
N ALA A 112 -17.33 0.05 -15.71
CA ALA A 112 -18.75 -0.08 -15.97
C ALA A 112 -18.95 0.13 -17.47
N LEU A 113 -18.21 1.08 -18.06
CA LEU A 113 -18.32 1.29 -19.50
C LEU A 113 -17.84 0.06 -20.26
N GLY A 114 -16.70 -0.49 -19.83
CA GLY A 114 -16.11 -1.62 -20.53
C GLY A 114 -16.97 -2.88 -20.44
N PHE A 115 -17.36 -3.24 -19.24
CA PHE A 115 -18.14 -4.46 -19.05
C PHE A 115 -19.47 -4.41 -19.81
N HIS A 116 -20.13 -3.25 -19.76
CA HIS A 116 -21.42 -3.04 -20.40
C HIS A 116 -21.23 -3.09 -21.90
N TRP A 117 -20.07 -2.65 -22.37
CA TRP A 117 -19.80 -2.79 -23.80
C TRP A 117 -19.54 -4.26 -24.13
N ALA A 118 -18.75 -4.94 -23.28
CA ALA A 118 -18.34 -6.32 -23.54
C ALA A 118 -19.56 -7.23 -23.63
N LYS A 119 -20.48 -7.02 -22.70
CA LYS A 119 -21.75 -7.74 -22.65
C LYS A 119 -22.52 -7.57 -23.96
N ARG A 120 -22.44 -6.40 -24.58
CA ARG A 120 -23.25 -6.11 -25.77
C ARG A 120 -22.48 -6.49 -27.04
N ASN A 121 -21.18 -6.71 -26.88
CA ASN A 121 -20.30 -7.08 -28.01
C ASN A 121 -19.34 -8.21 -27.66
N PRO A 122 -19.87 -9.32 -27.13
CA PRO A 122 -18.95 -10.34 -26.60
C PRO A 122 -18.04 -10.96 -27.66
N GLU A 123 -18.48 -11.04 -28.91
CA GLU A 123 -17.64 -11.64 -29.94
C GLU A 123 -16.45 -10.76 -30.28
N ARG A 124 -16.52 -9.47 -29.94
CA ARG A 124 -15.44 -8.53 -30.25
C ARG A 124 -14.38 -8.35 -29.13
N VAL A 125 -14.60 -8.94 -27.98
CA VAL A 125 -13.70 -8.78 -26.83
C VAL A 125 -12.80 -10.00 -26.69
N LYS A 126 -11.48 -9.79 -26.74
CA LYS A 126 -10.53 -10.88 -26.68
C LYS A 126 -9.92 -11.08 -25.31
N GLY A 127 -10.16 -10.15 -24.38
CA GLY A 127 -9.63 -10.24 -23.04
C GLY A 127 -10.00 -8.98 -22.28
N ILE A 128 -10.13 -9.09 -20.95
CA ILE A 128 -10.43 -7.92 -20.14
C ILE A 128 -9.52 -7.92 -18.92
N ALA A 129 -8.74 -6.86 -18.80
CA ALA A 129 -8.01 -6.62 -17.58
C ALA A 129 -8.75 -5.53 -16.78
N PHE A 130 -8.98 -5.79 -15.52
CA PHE A 130 -9.77 -4.85 -14.73
C PHE A 130 -9.27 -4.77 -13.30
N MET A 131 -9.70 -3.72 -12.62
CA MET A 131 -9.22 -3.39 -11.29
C MET A 131 -10.19 -2.41 -10.68
N GLU A 132 -10.45 -2.54 -9.38
CA GLU A 132 -11.26 -1.56 -8.64
C GLU A 132 -12.49 -1.10 -9.43
N PHE A 133 -13.32 -2.08 -9.77
CA PHE A 133 -14.37 -1.87 -10.75
C PHE A 133 -15.73 -1.77 -10.11
N ILE A 134 -16.70 -1.33 -10.90
CA ILE A 134 -18.04 -1.14 -10.41
C ILE A 134 -18.88 -2.43 -10.41
N ARG A 135 -19.34 -2.80 -9.21
CA ARG A 135 -20.22 -3.93 -8.96
C ARG A 135 -21.31 -3.39 -8.01
N PRO A 136 -22.48 -4.06 -7.95
CA PRO A 136 -23.49 -3.55 -7.00
C PRO A 136 -22.99 -3.57 -5.56
N ILE A 137 -23.20 -2.47 -4.83
CA ILE A 137 -22.85 -2.47 -3.41
C ILE A 137 -24.12 -2.57 -2.58
N PRO A 138 -24.36 -3.74 -1.97
CA PRO A 138 -25.62 -4.14 -1.34
C PRO A 138 -26.02 -3.20 -0.21
N THR A 139 -25.04 -2.81 0.58
CA THR A 139 -25.28 -1.95 1.73
C THR A 139 -24.15 -0.96 1.97
N TRP A 140 -24.50 0.20 2.53
CA TRP A 140 -23.53 1.20 2.95
C TRP A 140 -22.62 0.67 4.06
N ASP A 141 -23.02 -0.42 4.70
CA ASP A 141 -22.28 -1.00 5.83
C ASP A 141 -20.92 -1.46 5.38
N GLU A 142 -20.78 -1.70 4.08
CA GLU A 142 -19.52 -2.11 3.51
C GLU A 142 -18.45 -1.00 3.61
N TRP A 143 -18.88 0.26 3.74
CA TRP A 143 -17.94 1.40 3.81
C TRP A 143 -17.74 1.90 5.24
N PRO A 144 -16.55 2.49 5.53
CA PRO A 144 -16.20 3.08 6.82
C PRO A 144 -16.94 4.39 7.00
N GLU A 145 -16.97 4.93 8.21
CA GLU A 145 -17.85 6.07 8.48
C GLU A 145 -17.60 7.29 7.60
N PHE A 146 -16.34 7.67 7.41
CA PHE A 146 -16.01 8.88 6.66
C PHE A 146 -16.47 8.82 5.21
N ALA A 147 -16.25 7.65 4.60
CA ALA A 147 -16.54 7.43 3.19
C ALA A 147 -18.02 7.43 3.02
N ARG A 148 -18.69 6.76 3.97
CA ARG A 148 -20.14 6.64 3.97
C ARG A 148 -20.82 8.00 4.10
N GLU A 149 -20.35 8.84 5.02
CA GLU A 149 -20.93 10.14 5.23
C GLU A 149 -20.67 11.04 4.04
N THR A 150 -19.45 10.98 3.53
CA THR A 150 -19.06 11.80 2.38
C THR A 150 -19.87 11.46 1.14
N PHE A 151 -19.97 10.17 0.80
CA PHE A 151 -20.63 9.79 -0.44
C PHE A 151 -22.14 9.92 -0.29
N GLN A 152 -22.64 9.75 0.93
CA GLN A 152 -24.04 10.03 1.15
C GLN A 152 -24.32 11.51 0.97
N ALA A 153 -23.41 12.37 1.46
CA ALA A 153 -23.50 13.81 1.23
C ALA A 153 -23.44 14.13 -0.28
N PHE A 154 -22.55 13.45 -1.01
CA PHE A 154 -22.40 13.66 -2.45
C PHE A 154 -23.72 13.46 -3.19
N ARG A 155 -24.52 12.51 -2.72
CA ARG A 155 -25.69 12.09 -3.47
C ARG A 155 -26.91 12.95 -3.14
N THR A 156 -26.70 14.26 -3.16
CA THR A 156 -27.80 15.20 -3.07
C THR A 156 -27.52 16.34 -4.02
N THR A 157 -28.58 17.05 -4.41
CA THR A 157 -28.45 18.18 -5.30
C THR A 157 -28.16 19.47 -4.48
N ASP A 158 -28.11 19.36 -3.16
CA ASP A 158 -27.79 20.56 -2.40
C ASP A 158 -26.36 20.50 -1.89
N VAL A 159 -26.13 19.76 -0.82
CA VAL A 159 -24.83 19.63 -0.21
C VAL A 159 -23.83 18.94 -1.15
N GLY A 160 -24.31 17.95 -1.88
CA GLY A 160 -23.45 17.21 -2.80
C GLY A 160 -22.88 18.13 -3.88
N ARG A 161 -23.73 19.03 -4.38
CA ARG A 161 -23.27 19.92 -5.43
C ARG A 161 -22.33 21.02 -4.89
N LYS A 162 -22.62 21.47 -3.67
CA LYS A 162 -21.77 22.39 -2.96
C LYS A 162 -20.38 21.81 -2.71
N LEU A 163 -20.33 20.54 -2.32
CA LEU A 163 -19.06 19.91 -2.09
C LEU A 163 -18.30 19.69 -3.40
N ILE A 164 -18.97 19.10 -4.39
CA ILE A 164 -18.26 18.68 -5.59
C ILE A 164 -18.16 19.81 -6.63
N ILE A 165 -19.22 20.58 -6.82
CA ILE A 165 -19.17 21.62 -7.85
C ILE A 165 -18.48 22.91 -7.33
N ASP A 166 -18.96 23.42 -6.20
CA ASP A 166 -18.42 24.67 -5.64
C ASP A 166 -17.05 24.50 -4.98
N GLN A 167 -16.89 23.47 -4.17
CA GLN A 167 -15.68 23.33 -3.37
C GLN A 167 -14.66 22.38 -3.98
N ASN A 168 -15.01 21.71 -5.09
CA ASN A 168 -14.15 20.77 -5.82
C ASN A 168 -13.55 19.65 -4.96
N VAL A 169 -14.33 19.19 -3.99
CA VAL A 169 -13.91 18.19 -3.02
C VAL A 169 -13.54 16.85 -3.67
N PHE A 170 -14.16 16.51 -4.79
CA PHE A 170 -13.84 15.20 -5.37
C PHE A 170 -12.38 15.19 -5.88
N ILE A 171 -11.91 16.32 -6.41
CA ILE A 171 -10.54 16.43 -6.88
C ILE A 171 -9.56 16.66 -5.73
N GLU A 172 -9.90 17.60 -4.83
CA GLU A 172 -8.93 18.01 -3.83
C GLU A 172 -8.95 17.12 -2.57
N GLY A 173 -10.06 16.42 -2.35
CA GLY A 173 -10.18 15.58 -1.17
C GLY A 173 -10.24 14.08 -1.45
N THR A 174 -11.22 13.66 -2.24
CA THR A 174 -11.46 12.23 -2.50
C THR A 174 -10.36 11.58 -3.31
N LEU A 175 -9.95 12.29 -4.35
CA LEU A 175 -8.96 11.74 -5.27
C LEU A 175 -7.66 11.32 -4.53
N PRO A 176 -7.01 12.23 -3.77
CA PRO A 176 -5.81 11.70 -3.07
C PRO A 176 -6.13 10.64 -2.01
N CYS A 177 -7.37 10.58 -1.52
CA CYS A 177 -7.73 9.52 -0.56
C CYS A 177 -7.81 8.16 -1.22
N GLY A 178 -7.82 8.15 -2.54
CA GLY A 178 -7.87 6.87 -3.23
C GLY A 178 -6.52 6.31 -3.65
N VAL A 179 -5.44 6.87 -3.12
CA VAL A 179 -4.07 6.47 -3.44
C VAL A 179 -3.26 6.27 -2.14
N VAL A 180 -2.57 5.14 -2.01
CA VAL A 180 -1.80 4.90 -0.79
C VAL A 180 -0.60 5.84 -0.67
N ARG A 181 0.19 5.95 -1.72
CA ARG A 181 1.32 6.88 -1.70
C ARG A 181 0.80 8.30 -1.86
N PRO A 182 1.56 9.30 -1.35
CA PRO A 182 1.16 10.71 -1.57
C PRO A 182 1.35 11.17 -3.03
N LEU A 183 0.30 11.66 -3.66
CA LEU A 183 0.41 12.23 -5.00
C LEU A 183 1.19 13.54 -4.92
N THR A 184 1.98 13.87 -5.93
CA THR A 184 2.66 15.18 -5.88
C THR A 184 1.73 16.25 -6.43
N GLU A 185 2.08 17.50 -6.16
CA GLU A 185 1.27 18.61 -6.66
C GLU A 185 1.30 18.66 -8.21
N VAL A 186 2.37 18.19 -8.85
CA VAL A 186 2.43 18.15 -10.33
C VAL A 186 1.37 17.17 -10.85
N GLU A 187 1.27 16.01 -10.19
CA GLU A 187 0.25 15.03 -10.54
C GLU A 187 -1.15 15.57 -10.30
N MET A 188 -1.31 16.20 -9.15
CA MET A 188 -2.57 16.80 -8.83
C MET A 188 -2.92 17.81 -9.91
N ASP A 189 -1.95 18.58 -10.40
CA ASP A 189 -2.22 19.59 -11.42
C ASP A 189 -2.71 18.96 -12.71
N HIS A 190 -2.11 17.81 -13.06
CA HIS A 190 -2.65 17.06 -14.20
C HIS A 190 -4.11 16.60 -13.98
N TYR A 191 -4.43 16.11 -12.77
CA TYR A 191 -5.84 15.74 -12.49
C TYR A 191 -6.82 16.96 -12.40
N ARG A 192 -6.29 18.12 -11.98
CA ARG A 192 -7.05 19.35 -11.77
C ARG A 192 -7.41 20.04 -13.08
N GLU A 193 -6.49 19.97 -14.03
CA GLU A 193 -6.57 20.75 -15.27
C GLU A 193 -7.94 20.78 -15.95
N PRO A 194 -8.61 19.61 -16.09
CA PRO A 194 -9.90 19.64 -16.75
C PRO A 194 -11.02 20.36 -15.99
N PHE A 195 -10.84 20.64 -14.71
CA PHE A 195 -11.98 21.10 -13.94
C PHE A 195 -11.73 22.43 -13.28
N LEU A 196 -10.81 23.19 -13.86
CA LEU A 196 -10.49 24.53 -13.35
C LEU A 196 -11.71 25.47 -13.35
N ASN A 197 -12.61 25.27 -14.31
CA ASN A 197 -13.87 26.01 -14.31
C ASN A 197 -14.94 25.19 -13.58
N PRO A 198 -15.54 25.74 -12.51
CA PRO A 198 -16.51 24.97 -11.71
C PRO A 198 -17.69 24.42 -12.50
N VAL A 199 -18.20 25.14 -13.49
CA VAL A 199 -19.33 24.62 -14.22
C VAL A 199 -18.93 23.30 -14.91
N ASP A 200 -17.64 23.11 -15.19
CA ASP A 200 -17.16 21.88 -15.83
C ASP A 200 -17.06 20.66 -14.88
N ARG A 201 -17.37 20.86 -13.59
CA ARG A 201 -17.25 19.77 -12.62
C ARG A 201 -18.51 18.87 -12.54
N GLU A 202 -19.49 19.13 -13.41
CA GLU A 202 -20.74 18.36 -13.45
C GLU A 202 -20.55 16.81 -13.48
N PRO A 203 -19.63 16.29 -14.34
CA PRO A 203 -19.45 14.82 -14.35
C PRO A 203 -18.94 14.26 -13.02
N LEU A 204 -18.13 15.05 -12.29
CA LEU A 204 -17.58 14.61 -11.00
C LEU A 204 -18.68 14.41 -9.98
N TRP A 205 -19.81 15.10 -10.17
CA TRP A 205 -20.95 15.00 -9.25
C TRP A 205 -21.97 13.95 -9.71
N ARG A 206 -22.24 13.90 -11.01
CA ARG A 206 -23.21 12.93 -11.50
C ARG A 206 -22.68 11.49 -11.29
N PHE A 207 -21.39 11.25 -11.49
CA PHE A 207 -20.84 9.88 -11.31
C PHE A 207 -21.16 9.26 -9.92
N PRO A 208 -20.81 9.95 -8.80
CA PRO A 208 -21.16 9.31 -7.52
C PRO A 208 -22.68 9.17 -7.29
N ASN A 209 -23.47 10.00 -7.96
CA ASN A 209 -24.90 9.85 -7.89
C ASN A 209 -25.41 8.68 -8.71
N GLU A 210 -24.53 8.11 -9.53
CA GLU A 210 -24.87 6.96 -10.35
C GLU A 210 -24.39 5.65 -9.71
N LEU A 211 -23.53 5.73 -8.71
CA LEU A 211 -22.97 4.52 -8.08
C LEU A 211 -24.10 3.64 -7.56
N PRO A 212 -24.08 2.34 -7.91
CA PRO A 212 -25.11 1.37 -7.49
C PRO A 212 -24.92 0.92 -6.04
N ILE A 213 -25.47 1.67 -5.10
CA ILE A 213 -25.30 1.41 -3.68
C ILE A 213 -26.65 1.25 -2.99
N ALA A 214 -26.82 0.12 -2.32
CA ALA A 214 -28.05 -0.22 -1.60
C ALA A 214 -29.28 -0.08 -2.48
N GLY A 215 -29.13 -0.51 -3.73
CA GLY A 215 -30.25 -0.58 -4.65
C GLY A 215 -30.55 0.70 -5.42
N GLU A 216 -29.80 1.77 -5.23
CA GLU A 216 -30.10 3.00 -5.99
C GLU A 216 -28.90 3.60 -6.73
N PRO A 217 -29.12 4.15 -7.95
CA PRO A 217 -30.38 4.19 -8.68
C PRO A 217 -30.68 2.82 -9.23
N ALA A 218 -31.97 2.44 -9.24
CA ALA A 218 -32.35 1.08 -9.58
C ALA A 218 -31.89 0.71 -11.00
N ASN A 219 -31.97 1.66 -11.94
CA ASN A 219 -31.57 1.34 -13.31
C ASN A 219 -30.06 1.02 -13.40
N ILE A 220 -29.23 1.70 -12.63
CA ILE A 220 -27.79 1.45 -12.73
C ILE A 220 -27.48 0.11 -12.08
N VAL A 221 -28.14 -0.17 -10.96
CA VAL A 221 -28.02 -1.47 -10.29
C VAL A 221 -28.39 -2.63 -11.21
N ALA A 222 -29.50 -2.50 -11.95
CA ALA A 222 -29.93 -3.49 -12.93
C ALA A 222 -28.90 -3.66 -14.08
N LEU A 223 -28.48 -2.58 -14.69
CA LEU A 223 -27.45 -2.64 -15.72
C LEU A 223 -26.16 -3.37 -15.25
N VAL A 224 -25.71 -2.99 -14.08
CA VAL A 224 -24.50 -3.59 -13.53
C VAL A 224 -24.71 -5.08 -13.18
N GLU A 225 -25.86 -5.43 -12.61
CA GLU A 225 -26.17 -6.85 -12.35
C GLU A 225 -26.14 -7.64 -13.67
N GLU A 226 -26.60 -7.00 -14.73
CA GLU A 226 -26.57 -7.64 -16.03
C GLU A 226 -25.15 -7.94 -16.49
N TYR A 227 -24.29 -6.92 -16.48
CA TYR A 227 -23.00 -7.22 -17.06
C TYR A 227 -22.17 -8.13 -16.12
N MET A 228 -22.48 -8.13 -14.82
CA MET A 228 -21.78 -9.03 -13.88
C MET A 228 -22.22 -10.51 -14.11
N ASP A 229 -23.52 -10.69 -14.37
CA ASP A 229 -24.02 -12.02 -14.74
C ASP A 229 -23.32 -12.53 -16.01
N TRP A 230 -23.26 -11.65 -17.02
CA TRP A 230 -22.54 -12.00 -18.23
C TRP A 230 -21.09 -12.38 -17.90
N LEU A 231 -20.43 -11.56 -17.10
CA LEU A 231 -19.01 -11.77 -16.80
C LEU A 231 -18.80 -13.14 -16.11
N HIS A 232 -19.77 -13.57 -15.30
CA HIS A 232 -19.70 -14.89 -14.65
C HIS A 232 -19.91 -16.03 -15.65
N GLN A 233 -20.56 -15.76 -16.76
CA GLN A 233 -20.72 -16.88 -17.68
C GLN A 233 -19.75 -16.92 -18.86
N SER A 234 -19.16 -15.80 -19.24
CA SER A 234 -18.29 -15.72 -20.42
C SER A 234 -16.92 -16.31 -20.15
N PRO A 235 -16.35 -17.04 -21.12
CA PRO A 235 -15.00 -17.58 -20.95
C PRO A 235 -13.91 -16.60 -21.35
N VAL A 236 -14.25 -15.34 -21.61
CA VAL A 236 -13.25 -14.36 -22.08
C VAL A 236 -12.12 -14.32 -21.06
N PRO A 237 -10.86 -14.31 -21.56
CA PRO A 237 -9.72 -14.22 -20.64
C PRO A 237 -9.79 -12.96 -19.73
N LYS A 238 -9.56 -13.17 -18.44
CA LYS A 238 -9.73 -12.10 -17.48
C LYS A 238 -8.51 -11.96 -16.61
N LEU A 239 -8.11 -10.72 -16.38
CA LEU A 239 -7.00 -10.43 -15.50
C LEU A 239 -7.41 -9.37 -14.47
N LEU A 240 -7.47 -9.78 -13.22
CA LEU A 240 -7.94 -8.94 -12.14
C LEU A 240 -6.81 -8.42 -11.26
N PHE A 241 -6.60 -7.11 -11.20
CA PHE A 241 -5.60 -6.59 -10.28
C PHE A 241 -6.31 -6.16 -9.00
N TRP A 242 -5.71 -6.43 -7.84
CA TRP A 242 -6.33 -6.02 -6.57
C TRP A 242 -5.26 -5.61 -5.60
N GLY A 243 -5.61 -4.79 -4.61
CA GLY A 243 -4.64 -4.35 -3.62
C GLY A 243 -5.21 -4.41 -2.21
N THR A 244 -4.40 -4.09 -1.20
CA THR A 244 -4.88 -4.03 0.19
C THR A 244 -4.72 -2.64 0.76
N PRO A 245 -5.77 -2.08 1.39
CA PRO A 245 -7.08 -2.67 1.69
C PRO A 245 -8.08 -2.66 0.50
N GLY A 246 -7.78 -1.90 -0.55
CA GLY A 246 -8.69 -1.76 -1.66
C GLY A 246 -9.84 -0.84 -1.28
N VAL A 247 -10.73 -0.54 -2.22
CA VAL A 247 -11.87 0.32 -1.96
C VAL A 247 -13.16 -0.33 -2.55
N LEU A 248 -13.29 -0.35 -3.87
CA LEU A 248 -14.48 -0.98 -4.45
C LEU A 248 -14.36 -2.48 -4.34
N ILE A 249 -13.12 -2.96 -4.32
CA ILE A 249 -12.84 -4.40 -4.33
C ILE A 249 -11.88 -4.79 -3.22
N PRO A 250 -12.41 -5.07 -2.04
CA PRO A 250 -11.59 -5.55 -0.91
C PRO A 250 -11.01 -6.94 -1.21
N PRO A 251 -9.93 -7.34 -0.52
CA PRO A 251 -9.24 -8.62 -0.76
C PRO A 251 -10.14 -9.86 -0.78
N ALA A 252 -11.19 -9.89 0.03
CA ALA A 252 -12.11 -11.03 0.08
C ALA A 252 -12.92 -11.15 -1.22
N GLU A 253 -13.35 -9.99 -1.72
CA GLU A 253 -14.13 -9.89 -2.95
C GLU A 253 -13.27 -10.27 -4.14
N ALA A 254 -12.03 -9.78 -4.17
CA ALA A 254 -11.07 -10.16 -5.19
C ALA A 254 -10.87 -11.69 -5.18
N ALA A 255 -10.72 -12.29 -4.01
CA ALA A 255 -10.55 -13.75 -3.93
C ALA A 255 -11.76 -14.48 -4.53
N ARG A 256 -12.96 -14.02 -4.14
CA ARG A 256 -14.19 -14.59 -4.65
C ARG A 256 -14.23 -14.55 -6.17
N LEU A 257 -13.93 -13.37 -6.71
CA LEU A 257 -13.99 -13.18 -8.15
C LEU A 257 -12.92 -13.98 -8.84
N ALA A 258 -11.74 -14.06 -8.23
CA ALA A 258 -10.62 -14.78 -8.80
C ALA A 258 -10.98 -16.23 -9.07
N LYS A 259 -11.75 -16.83 -8.15
CA LYS A 259 -12.11 -18.24 -8.34
C LYS A 259 -13.41 -18.44 -9.11
N SER A 260 -14.39 -17.54 -8.93
CA SER A 260 -15.71 -17.69 -9.55
C SER A 260 -15.83 -17.25 -11.03
N LEU A 261 -15.05 -16.27 -11.44
CA LEU A 261 -15.10 -15.83 -12.84
C LEU A 261 -14.33 -16.83 -13.72
N PRO A 262 -14.93 -17.27 -14.83
CA PRO A 262 -14.16 -18.18 -15.70
C PRO A 262 -12.87 -17.56 -16.20
N ASN A 263 -11.79 -18.34 -16.30
CA ASN A 263 -10.56 -17.94 -16.99
C ASN A 263 -9.99 -16.63 -16.48
N CYS A 264 -9.88 -16.54 -15.16
CA CYS A 264 -9.49 -15.32 -14.51
C CYS A 264 -8.20 -15.57 -13.78
N LYS A 265 -7.22 -14.72 -14.06
CA LYS A 265 -5.95 -14.66 -13.37
C LYS A 265 -6.00 -13.45 -12.44
N ALA A 266 -5.66 -13.63 -11.17
CA ALA A 266 -5.66 -12.54 -10.22
C ALA A 266 -4.24 -12.15 -9.82
N VAL A 267 -3.96 -10.86 -9.77
CA VAL A 267 -2.65 -10.35 -9.38
C VAL A 267 -2.78 -9.35 -8.23
N ASP A 268 -2.11 -9.71 -7.15
CA ASP A 268 -1.97 -8.89 -5.94
C ASP A 268 -0.92 -7.81 -6.21
N ILE A 269 -1.31 -6.54 -6.11
CA ILE A 269 -0.34 -5.50 -6.43
C ILE A 269 0.33 -4.97 -5.19
N GLY A 270 -0.09 -5.48 -4.03
CA GLY A 270 0.41 -5.01 -2.74
C GLY A 270 -0.52 -3.94 -2.19
N PRO A 271 0.05 -2.91 -1.56
CA PRO A 271 -0.79 -1.85 -0.98
C PRO A 271 -1.57 -1.08 -2.07
N GLY A 272 -2.85 -0.83 -1.86
CA GLY A 272 -3.64 -0.08 -2.82
C GLY A 272 -5.02 0.26 -2.32
N LEU A 273 -5.57 1.34 -2.84
CA LEU A 273 -6.93 1.76 -2.48
C LEU A 273 -7.82 1.72 -3.73
N ASN A 274 -8.00 2.84 -4.44
CA ASN A 274 -8.82 2.80 -5.66
C ASN A 274 -8.01 2.93 -6.94
N LEU A 275 -7.13 3.92 -6.99
CA LEU A 275 -6.26 4.17 -8.13
C LEU A 275 -5.02 3.28 -8.09
N LEU A 276 -5.20 1.98 -8.37
CA LEU A 276 -4.09 1.02 -8.25
C LEU A 276 -2.95 1.39 -9.17
N GLN A 277 -3.28 2.04 -10.28
CA GLN A 277 -2.26 2.49 -11.23
C GLN A 277 -1.25 3.42 -10.57
N GLU A 278 -1.67 4.16 -9.55
CA GLU A 278 -0.75 5.13 -8.99
C GLU A 278 0.17 4.50 -7.92
N ASP A 279 -0.20 3.31 -7.46
CA ASP A 279 0.58 2.66 -6.42
C ASP A 279 1.51 1.54 -6.96
N ASN A 280 1.10 0.83 -7.99
CA ASN A 280 2.02 -0.15 -8.59
C ASN A 280 1.89 -0.26 -10.11
N PRO A 281 2.22 0.83 -10.83
CA PRO A 281 2.15 0.86 -12.29
C PRO A 281 3.09 -0.18 -12.95
N ASP A 282 4.27 -0.38 -12.39
CA ASP A 282 5.22 -1.31 -12.97
C ASP A 282 4.67 -2.74 -13.03
N LEU A 283 4.14 -3.22 -11.91
CA LEU A 283 3.61 -4.57 -11.89
C LEU A 283 2.35 -4.67 -12.75
N ILE A 284 1.49 -3.67 -12.70
CA ILE A 284 0.28 -3.70 -13.52
C ILE A 284 0.63 -3.71 -15.02
N GLY A 285 1.50 -2.82 -15.48
CA GLY A 285 1.87 -2.78 -16.88
C GLY A 285 2.62 -4.05 -17.31
N SER A 286 3.57 -4.45 -16.48
CA SER A 286 4.37 -5.67 -16.72
C SER A 286 3.48 -6.92 -16.86
N GLU A 287 2.54 -7.08 -15.93
CA GLU A 287 1.61 -8.19 -15.97
C GLU A 287 0.62 -8.11 -17.14
N ILE A 288 0.21 -6.90 -17.51
CA ILE A 288 -0.67 -6.80 -18.66
C ILE A 288 0.08 -7.25 -19.92
N ALA A 289 1.31 -6.77 -20.12
CA ALA A 289 2.09 -7.21 -21.28
C ALA A 289 2.27 -8.75 -21.29
N ARG A 290 2.67 -9.29 -20.16
CA ARG A 290 2.79 -10.75 -20.01
C ARG A 290 1.54 -11.53 -20.36
N TRP A 291 0.41 -11.11 -19.80
CA TRP A 291 -0.90 -11.72 -20.01
C TRP A 291 -1.31 -11.63 -21.49
N LEU A 292 -1.08 -10.47 -22.10
CA LEU A 292 -1.33 -10.27 -23.53
C LEU A 292 -0.57 -11.30 -24.38
N SER A 293 0.69 -11.55 -24.04
CA SER A 293 1.45 -12.54 -24.80
C SER A 293 0.81 -13.96 -24.79
N THR A 294 -0.07 -14.25 -23.83
CA THR A 294 -0.74 -15.54 -23.76
C THR A 294 -2.08 -15.59 -24.48
N LEU A 295 -2.57 -14.47 -24.99
CA LEU A 295 -3.92 -14.44 -25.56
C LEU A 295 -3.94 -14.85 -27.03
N ILE B 6 14.28 -12.70 -3.67
CA ILE B 6 14.29 -12.48 -2.23
C ILE B 6 13.83 -13.77 -1.55
N GLY B 7 14.72 -14.39 -0.78
CA GLY B 7 14.46 -15.70 -0.19
C GLY B 7 13.29 -15.72 0.78
N THR B 8 12.57 -16.85 0.81
CA THR B 8 11.41 -17.01 1.68
C THR B 8 11.71 -17.93 2.84
N GLY B 9 12.81 -18.68 2.74
CA GLY B 9 13.17 -19.61 3.79
C GLY B 9 13.76 -18.99 5.05
N PHE B 10 13.73 -19.78 6.13
CA PHE B 10 14.30 -19.40 7.41
C PHE B 10 15.23 -20.50 7.88
N PRO B 11 16.45 -20.55 7.33
CA PRO B 11 17.44 -21.62 7.49
C PRO B 11 18.35 -21.39 8.69
N PHE B 12 17.76 -21.06 9.83
CA PHE B 12 18.55 -20.84 11.03
C PHE B 12 18.16 -21.88 12.06
N ASP B 13 19.15 -22.55 12.64
CA ASP B 13 18.92 -23.43 13.79
C ASP B 13 18.34 -22.63 14.92
N PRO B 14 17.36 -23.21 15.63
CA PRO B 14 16.79 -22.53 16.78
C PRO B 14 17.71 -22.49 18.01
N HIS B 15 17.81 -21.32 18.66
CA HIS B 15 18.50 -21.27 19.94
C HIS B 15 17.51 -20.71 20.94
N TYR B 16 17.61 -21.13 22.19
CA TYR B 16 16.67 -20.69 23.23
C TYR B 16 17.45 -20.34 24.45
N VAL B 17 17.04 -19.29 25.14
CA VAL B 17 17.63 -19.06 26.45
C VAL B 17 16.51 -18.72 27.40
N GLU B 18 16.63 -19.14 28.66
CA GLU B 18 15.59 -18.88 29.65
C GLU B 18 15.71 -17.50 30.21
N VAL B 19 14.61 -16.77 30.19
CA VAL B 19 14.57 -15.38 30.55
C VAL B 19 13.34 -15.15 31.39
N LEU B 20 13.52 -14.78 32.65
CA LEU B 20 12.41 -14.53 33.54
C LEU B 20 11.39 -15.69 33.49
N GLY B 21 11.90 -16.91 33.37
CA GLY B 21 11.08 -18.13 33.37
C GLY B 21 10.47 -18.54 32.04
N GLU B 22 10.78 -17.79 30.98
CA GLU B 22 10.21 -18.02 29.65
C GLU B 22 11.34 -18.31 28.68
N ARG B 23 11.08 -19.10 27.68
CA ARG B 23 12.16 -19.42 26.77
C ARG B 23 12.09 -18.36 25.65
N MET B 24 13.19 -17.63 25.38
CA MET B 24 13.21 -16.74 24.22
C MET B 24 14.02 -17.38 23.11
N HIS B 25 13.42 -17.39 21.93
CA HIS B 25 14.08 -17.91 20.75
C HIS B 25 14.92 -16.86 20.08
N TYR B 26 16.08 -17.28 19.57
CA TYR B 26 16.92 -16.38 18.81
C TYR B 26 17.77 -17.11 17.77
N VAL B 27 18.03 -16.38 16.70
CA VAL B 27 19.04 -16.71 15.73
C VAL B 27 20.37 -16.32 16.32
N ASP B 28 21.38 -17.17 16.11
CA ASP B 28 22.77 -16.95 16.58
C ASP B 28 23.72 -17.59 15.57
N VAL B 29 24.26 -16.78 14.68
CA VAL B 29 25.13 -17.28 13.63
C VAL B 29 26.42 -16.43 13.55
N GLY B 30 27.38 -16.88 12.75
CA GLY B 30 28.61 -16.13 12.58
C GLY B 30 29.64 -16.48 13.64
N PRO B 31 30.84 -15.91 13.55
CA PRO B 31 31.96 -16.17 14.46
C PRO B 31 31.61 -15.83 15.89
N ARG B 32 32.14 -16.58 16.85
CA ARG B 32 31.85 -16.41 18.27
C ARG B 32 32.54 -15.19 18.85
N ASP B 33 33.61 -14.78 18.19
CA ASP B 33 34.41 -13.67 18.69
C ASP B 33 33.92 -12.34 18.11
N GLY B 34 34.45 -11.26 18.67
CA GLY B 34 34.18 -9.93 18.19
C GLY B 34 32.93 -9.33 18.80
N THR B 35 32.68 -8.09 18.45
CA THR B 35 31.47 -7.42 18.88
C THR B 35 30.31 -8.06 18.15
N PRO B 36 29.29 -8.53 18.90
CA PRO B 36 28.10 -9.08 18.27
C PRO B 36 27.17 -8.01 17.70
N VAL B 37 26.42 -8.41 16.68
CA VAL B 37 25.42 -7.54 16.08
C VAL B 37 24.03 -8.04 16.47
N LEU B 38 23.30 -7.21 17.20
CA LEU B 38 22.00 -7.56 17.77
C LEU B 38 20.88 -6.94 16.92
N PHE B 39 20.04 -7.81 16.34
CA PHE B 39 18.97 -7.42 15.42
C PHE B 39 17.63 -7.45 16.16
N LEU B 40 16.93 -6.32 16.20
CA LEU B 40 15.64 -6.23 16.88
C LEU B 40 14.49 -5.85 15.95
N HIS B 41 13.56 -6.80 15.83
CA HIS B 41 12.36 -6.65 15.03
C HIS B 41 11.24 -5.93 15.80
N GLY B 42 10.18 -5.55 15.10
CA GLY B 42 9.04 -4.94 15.74
C GLY B 42 7.72 -5.65 15.46
N ASN B 43 6.67 -4.85 15.26
CA ASN B 43 5.32 -5.35 15.10
C ASN B 43 4.93 -5.36 13.62
N PRO B 44 4.35 -6.46 13.13
CA PRO B 44 4.01 -7.74 13.78
C PRO B 44 4.93 -8.85 13.37
N THR B 45 6.23 -8.58 13.38
CA THR B 45 7.18 -9.47 12.73
C THR B 45 7.91 -10.39 13.71
N SER B 46 9.03 -10.95 13.26
CA SER B 46 9.89 -11.73 14.16
C SER B 46 11.28 -11.66 13.58
N SER B 47 12.16 -12.53 14.06
CA SER B 47 13.51 -12.62 13.47
C SER B 47 13.44 -12.95 11.97
N TYR B 48 12.32 -13.50 11.52
CA TYR B 48 12.11 -13.80 10.09
C TYR B 48 12.36 -12.54 9.23
N VAL B 49 12.03 -11.37 9.76
CA VAL B 49 12.20 -10.14 8.99
C VAL B 49 13.69 -9.85 8.67
N TRP B 50 14.61 -10.52 9.36
CA TRP B 50 16.05 -10.28 9.19
C TRP B 50 16.74 -11.35 8.35
N ARG B 51 15.96 -12.33 7.90
CA ARG B 51 16.52 -13.53 7.30
C ARG B 51 17.42 -13.26 6.07
N ASN B 52 17.13 -12.21 5.31
CA ASN B 52 17.90 -11.95 4.10
C ASN B 52 18.91 -10.84 4.31
N ILE B 53 18.99 -10.35 5.53
CA ILE B 53 19.95 -9.31 5.87
C ILE B 53 21.13 -9.95 6.58
N ILE B 54 20.83 -10.77 7.58
CA ILE B 54 21.84 -11.44 8.39
C ILE B 54 22.95 -12.16 7.61
N PRO B 55 22.61 -12.85 6.50
CA PRO B 55 23.67 -13.56 5.75
C PRO B 55 24.74 -12.64 5.16
N HIS B 56 24.45 -11.34 5.09
CA HIS B 56 25.45 -10.39 4.62
C HIS B 56 26.44 -10.05 5.72
N VAL B 57 26.03 -10.27 6.96
CA VAL B 57 26.81 -9.83 8.11
C VAL B 57 27.52 -11.00 8.74
N ALA B 58 26.83 -12.13 8.74
CA ALA B 58 27.29 -13.33 9.42
C ALA B 58 28.69 -13.87 8.96
N PRO B 59 29.14 -13.58 7.71
CA PRO B 59 30.51 -14.05 7.43
C PRO B 59 31.60 -13.53 8.37
N THR B 60 31.43 -12.33 8.91
CA THR B 60 32.47 -11.69 9.72
C THR B 60 32.04 -11.20 11.12
N HIS B 61 30.77 -11.39 11.46
CA HIS B 61 30.22 -10.86 12.72
C HIS B 61 29.22 -11.82 13.32
N ARG B 62 29.21 -11.94 14.64
CA ARG B 62 28.16 -12.68 15.30
C ARG B 62 26.83 -11.93 15.11
N CYS B 63 25.82 -12.67 14.69
CA CYS B 63 24.49 -12.13 14.51
C CYS B 63 23.57 -12.80 15.50
N ILE B 64 22.97 -11.96 16.32
CA ILE B 64 21.97 -12.40 17.28
C ILE B 64 20.65 -11.72 16.98
N ALA B 65 19.60 -12.52 16.77
CA ALA B 65 18.28 -12.01 16.41
C ALA B 65 17.21 -12.71 17.23
N PRO B 66 16.84 -12.10 18.37
CA PRO B 66 15.79 -12.71 19.18
C PRO B 66 14.40 -12.46 18.61
N ASP B 67 13.47 -13.34 18.99
CA ASP B 67 12.04 -13.11 18.85
C ASP B 67 11.55 -12.47 20.14
N LEU B 68 10.91 -11.29 20.04
CA LEU B 68 10.34 -10.64 21.23
C LEU B 68 9.43 -11.61 21.99
N ILE B 69 9.32 -11.42 23.30
CA ILE B 69 8.49 -12.29 24.11
C ILE B 69 7.06 -12.23 23.53
N GLY B 70 6.38 -13.38 23.46
CA GLY B 70 5.04 -13.44 22.93
C GLY B 70 5.02 -13.47 21.42
N MET B 71 6.19 -13.46 20.78
CA MET B 71 6.25 -13.39 19.32
C MET B 71 7.19 -14.43 18.70
N GLY B 72 7.15 -14.61 17.39
CA GLY B 72 8.05 -15.55 16.72
C GLY B 72 7.97 -16.94 17.36
N LYS B 73 9.13 -17.50 17.69
CA LYS B 73 9.18 -18.82 18.33
C LYS B 73 9.39 -18.67 19.84
N SER B 74 9.37 -17.45 20.34
CA SER B 74 9.51 -17.28 21.76
C SER B 74 8.24 -17.77 22.48
N ASP B 75 8.35 -18.06 23.77
CA ASP B 75 7.22 -18.49 24.58
C ASP B 75 6.23 -17.37 24.66
N LYS B 76 5.03 -17.69 25.09
CA LYS B 76 3.95 -16.75 24.99
C LYS B 76 3.11 -16.73 26.25
N PRO B 77 3.66 -16.19 27.35
CA PRO B 77 2.91 -16.07 28.61
C PRO B 77 1.71 -15.13 28.50
N ASP B 78 0.84 -15.17 29.51
CA ASP B 78 -0.32 -14.30 29.58
C ASP B 78 0.05 -12.98 30.24
N LEU B 79 0.56 -12.04 29.43
CA LEU B 79 0.94 -10.71 29.88
C LEU B 79 0.08 -9.67 29.15
N GLY B 80 0.14 -8.41 29.57
CA GLY B 80 -0.46 -7.31 28.84
C GLY B 80 0.36 -6.95 27.61
N TYR B 81 1.64 -7.35 27.60
CA TYR B 81 2.58 -7.06 26.50
C TYR B 81 2.68 -5.55 26.22
N PHE B 82 2.70 -4.78 27.29
CA PHE B 82 3.05 -3.37 27.23
C PHE B 82 4.48 -3.26 26.79
N PHE B 83 4.84 -2.07 26.32
CA PHE B 83 6.23 -1.79 25.94
C PHE B 83 7.18 -2.15 27.09
N ASP B 84 6.77 -1.82 28.32
CA ASP B 84 7.54 -2.11 29.52
C ASP B 84 7.81 -3.61 29.70
N ASP B 85 6.86 -4.45 29.31
CA ASP B 85 7.08 -5.92 29.33
C ASP B 85 8.21 -6.34 28.39
N HIS B 86 8.19 -5.78 27.18
CA HIS B 86 9.26 -6.04 26.22
C HIS B 86 10.60 -5.50 26.69
N VAL B 87 10.62 -4.33 27.32
CA VAL B 87 11.84 -3.74 27.89
C VAL B 87 12.44 -4.68 28.95
N ARG B 88 11.59 -5.13 29.87
CA ARG B 88 12.02 -6.09 30.89
C ARG B 88 12.63 -7.35 30.27
N PHE B 89 11.92 -7.93 29.31
CA PHE B 89 12.39 -9.18 28.73
C PHE B 89 13.66 -9.03 27.86
N MET B 90 13.79 -7.93 27.13
CA MET B 90 14.98 -7.69 26.29
C MET B 90 16.22 -7.33 27.14
N ASP B 91 16.04 -6.51 28.19
CA ASP B 91 17.10 -6.27 29.18
C ASP B 91 17.61 -7.61 29.72
N ALA B 92 16.66 -8.42 30.20
CA ALA B 92 17.02 -9.73 30.76
C ALA B 92 17.65 -10.65 29.70
N PHE B 93 17.19 -10.56 28.46
CA PHE B 93 17.74 -11.36 27.37
C PHE B 93 19.19 -11.04 27.10
N ILE B 94 19.47 -9.75 27.04
CA ILE B 94 20.82 -9.30 26.76
C ILE B 94 21.77 -9.72 27.87
N GLU B 95 21.33 -9.59 29.12
CA GLU B 95 22.17 -10.02 30.24
C GLU B 95 22.35 -11.53 30.23
N ALA B 96 21.30 -12.27 29.89
CA ALA B 96 21.36 -13.73 29.90
C ALA B 96 22.37 -14.27 28.89
N LEU B 97 22.58 -13.56 27.80
CA LEU B 97 23.56 -13.99 26.81
C LEU B 97 24.96 -13.51 27.17
N GLY B 98 25.05 -12.70 28.22
CA GLY B 98 26.33 -12.17 28.65
C GLY B 98 26.92 -11.15 27.67
N LEU B 99 26.08 -10.47 26.92
CA LEU B 99 26.59 -9.48 25.97
C LEU B 99 27.20 -8.33 26.73
N GLU B 100 28.31 -7.80 26.21
CA GLU B 100 28.93 -6.63 26.81
C GLU B 100 28.74 -5.41 25.94
N GLU B 101 29.63 -5.21 24.99
CA GLU B 101 29.46 -4.18 23.98
C GLU B 101 28.74 -4.82 22.78
N VAL B 102 27.87 -4.06 22.12
CA VAL B 102 27.11 -4.56 20.96
C VAL B 102 26.97 -3.50 19.88
N VAL B 103 26.71 -3.96 18.66
CA VAL B 103 26.19 -3.08 17.62
C VAL B 103 24.70 -3.42 17.49
N LEU B 104 23.84 -2.41 17.39
CA LEU B 104 22.40 -2.62 17.21
C LEU B 104 21.93 -2.43 15.76
N VAL B 105 21.07 -3.33 15.29
CA VAL B 105 20.37 -3.19 14.04
C VAL B 105 18.88 -3.26 14.37
N ILE B 106 18.16 -2.15 14.21
CA ILE B 106 16.82 -2.11 14.79
C ILE B 106 15.73 -1.54 13.87
N HIS B 107 14.48 -1.96 14.10
CA HIS B 107 13.38 -1.51 13.24
C HIS B 107 12.05 -1.40 14.03
N ASP B 108 11.25 -0.36 13.76
CA ASP B 108 9.87 -0.25 14.32
C ASP B 108 9.88 -0.35 15.85
N TRP B 109 9.11 -1.26 16.42
CA TRP B 109 9.11 -1.36 17.87
C TRP B 109 10.48 -1.81 18.41
N GLY B 110 11.23 -2.56 17.59
CA GLY B 110 12.57 -2.99 17.93
C GLY B 110 13.45 -1.77 18.11
N SER B 111 13.16 -0.72 17.34
CA SER B 111 13.97 0.51 17.38
C SER B 111 13.70 1.20 18.72
N ALA B 112 12.43 1.17 19.16
CA ALA B 112 12.13 1.73 20.46
C ALA B 112 12.89 0.95 21.53
N LEU B 113 12.96 -0.37 21.38
CA LEU B 113 13.68 -1.13 22.39
C LEU B 113 15.16 -0.72 22.36
N GLY B 114 15.71 -0.69 21.14
CA GLY B 114 17.14 -0.49 20.97
C GLY B 114 17.57 0.86 21.49
N PHE B 115 16.89 1.90 21.01
CA PHE B 115 17.24 3.24 21.41
C PHE B 115 17.12 3.36 22.94
N HIS B 116 16.06 2.77 23.51
CA HIS B 116 15.82 2.94 24.93
C HIS B 116 16.91 2.26 25.74
N TRP B 117 17.40 1.15 25.20
CA TRP B 117 18.48 0.43 25.86
C TRP B 117 19.77 1.23 25.70
N ALA B 118 19.97 1.73 24.49
CA ALA B 118 21.20 2.46 24.18
C ALA B 118 21.35 3.69 25.07
N LYS B 119 20.25 4.43 25.24
CA LYS B 119 20.24 5.63 26.08
C LYS B 119 20.64 5.28 27.53
N ARG B 120 20.24 4.10 28.00
CA ARG B 120 20.49 3.72 29.40
C ARG B 120 21.84 3.01 29.50
N ASN B 121 22.41 2.61 28.37
CA ASN B 121 23.69 1.89 28.38
C ASN B 121 24.63 2.42 27.29
N PRO B 122 24.89 3.73 27.26
CA PRO B 122 25.56 4.36 26.10
C PRO B 122 26.96 3.82 25.81
N GLU B 123 27.67 3.43 26.86
CA GLU B 123 29.05 2.96 26.76
C GLU B 123 29.13 1.56 26.12
N ARG B 124 28.00 0.85 26.08
CA ARG B 124 28.00 -0.50 25.52
C ARG B 124 27.56 -0.56 24.05
N VAL B 125 27.07 0.55 23.50
CA VAL B 125 26.57 0.53 22.12
C VAL B 125 27.60 1.19 21.19
N LYS B 126 28.10 0.39 20.25
CA LYS B 126 29.22 0.80 19.41
C LYS B 126 28.76 1.28 18.02
N GLY B 127 27.48 1.09 17.71
CA GLY B 127 26.91 1.50 16.44
C GLY B 127 25.42 1.16 16.42
N ILE B 128 24.63 1.96 15.68
CA ILE B 128 23.21 1.68 15.49
C ILE B 128 22.83 1.87 14.04
N ALA B 129 22.37 0.78 13.43
CA ALA B 129 21.73 0.82 12.13
C ALA B 129 20.22 0.74 12.39
N PHE B 130 19.45 1.63 11.79
CA PHE B 130 18.04 1.70 12.06
C PHE B 130 17.27 2.18 10.82
N MET B 131 15.96 1.98 10.86
CA MET B 131 15.11 2.23 9.72
C MET B 131 13.68 2.23 10.24
N GLU B 132 12.85 3.11 9.69
CA GLU B 132 11.42 3.12 10.00
C GLU B 132 11.17 2.94 11.51
N PHE B 133 11.72 3.87 12.28
CA PHE B 133 11.81 3.73 13.72
C PHE B 133 10.74 4.56 14.42
N ILE B 134 10.55 4.33 15.71
CA ILE B 134 9.50 5.02 16.43
C ILE B 134 9.94 6.43 16.89
N ARG B 135 9.17 7.42 16.47
CA ARG B 135 9.34 8.85 16.80
C ARG B 135 7.98 9.32 17.30
N PRO B 136 7.92 10.36 18.12
CA PRO B 136 6.61 10.90 18.48
C PRO B 136 5.83 11.37 17.25
N ILE B 137 4.56 11.01 17.17
CA ILE B 137 3.71 11.51 16.10
C ILE B 137 2.74 12.53 16.70
N PRO B 138 2.99 13.82 16.42
CA PRO B 138 2.33 14.99 17.03
C PRO B 138 0.82 15.06 16.76
N THR B 139 0.38 14.81 15.53
CA THR B 139 -1.03 14.87 15.19
C THR B 139 -1.36 13.78 14.19
N TRP B 140 -2.61 13.33 14.22
CA TRP B 140 -3.15 12.35 13.28
C TRP B 140 -3.15 12.87 11.84
N ASP B 141 -3.00 14.18 11.70
CA ASP B 141 -2.99 14.84 10.41
C ASP B 141 -1.80 14.39 9.58
N GLU B 142 -0.77 13.87 10.25
CA GLU B 142 0.42 13.37 9.56
C GLU B 142 0.12 12.13 8.73
N TRP B 143 -0.95 11.41 9.08
CA TRP B 143 -1.34 10.18 8.41
C TRP B 143 -2.50 10.35 7.41
N PRO B 144 -2.54 9.51 6.37
CA PRO B 144 -3.67 9.59 5.43
C PRO B 144 -4.94 8.98 6.00
N GLU B 145 -6.09 9.27 5.38
CA GLU B 145 -7.38 8.90 5.95
C GLU B 145 -7.50 7.40 6.22
N PHE B 146 -7.07 6.55 5.27
CA PHE B 146 -7.26 5.11 5.44
C PHE B 146 -6.51 4.60 6.67
N ALA B 147 -5.27 5.10 6.83
CA ALA B 147 -4.37 4.65 7.89
C ALA B 147 -4.83 5.20 9.22
N ARG B 148 -5.19 6.47 9.20
CA ARG B 148 -5.65 7.20 10.37
C ARG B 148 -6.92 6.59 10.96
N GLU B 149 -7.85 6.28 10.08
CA GLU B 149 -9.12 5.71 10.47
C GLU B 149 -8.92 4.28 10.97
N THR B 150 -8.07 3.52 10.27
CA THR B 150 -7.77 2.16 10.73
C THR B 150 -7.10 2.12 12.12
N PHE B 151 -6.09 2.95 12.33
CA PHE B 151 -5.36 2.89 13.59
C PHE B 151 -6.15 3.51 14.70
N GLN B 152 -6.99 4.48 14.40
CA GLN B 152 -7.89 4.97 15.44
C GLN B 152 -8.84 3.84 15.87
N ALA B 153 -9.35 3.06 14.92
CA ALA B 153 -10.12 1.88 15.29
C ALA B 153 -9.28 0.88 16.12
N PHE B 154 -8.02 0.67 15.74
CA PHE B 154 -7.14 -0.26 16.48
C PHE B 154 -7.02 0.14 17.93
N ARG B 155 -6.98 1.44 18.15
CA ARG B 155 -6.70 1.97 19.47
C ARG B 155 -7.98 2.11 20.31
N THR B 156 -8.77 1.04 20.32
CA THR B 156 -9.92 0.92 21.17
C THR B 156 -9.96 -0.51 21.71
N THR B 157 -10.66 -0.73 22.82
CA THR B 157 -10.74 -2.06 23.39
C THR B 157 -11.91 -2.93 22.86
N ASP B 158 -12.82 -2.38 22.06
CA ASP B 158 -13.87 -3.23 21.49
C ASP B 158 -13.58 -3.45 19.99
N VAL B 159 -13.75 -2.43 19.17
CA VAL B 159 -13.52 -2.60 17.72
C VAL B 159 -12.05 -2.98 17.43
N GLY B 160 -11.12 -2.43 18.19
CA GLY B 160 -9.71 -2.72 17.96
C GLY B 160 -9.35 -4.18 18.18
N ARG B 161 -9.90 -4.74 19.25
CA ARG B 161 -9.62 -6.12 19.62
C ARG B 161 -10.38 -7.10 18.69
N LYS B 162 -11.56 -6.71 18.26
CA LYS B 162 -12.29 -7.48 17.28
C LYS B 162 -11.50 -7.53 15.94
N LEU B 163 -10.95 -6.42 15.52
CA LEU B 163 -10.18 -6.39 14.28
C LEU B 163 -8.86 -7.15 14.39
N ILE B 164 -8.09 -6.85 15.43
CA ILE B 164 -6.74 -7.41 15.50
C ILE B 164 -6.72 -8.81 16.11
N ILE B 165 -7.51 -9.02 17.16
CA ILE B 165 -7.49 -10.36 17.78
C ILE B 165 -8.39 -11.35 17.02
N ASP B 166 -9.67 -11.01 16.85
CA ASP B 166 -10.62 -11.95 16.26
C ASP B 166 -10.44 -12.11 14.76
N GLN B 167 -10.24 -11.01 14.03
CA GLN B 167 -10.16 -11.08 12.58
C GLN B 167 -8.74 -11.12 12.00
N ASN B 168 -7.72 -11.01 12.87
CA ASN B 168 -6.30 -11.05 12.49
C ASN B 168 -5.96 -10.01 11.41
N VAL B 169 -6.62 -8.86 11.53
CA VAL B 169 -6.47 -7.77 10.58
C VAL B 169 -5.06 -7.19 10.57
N PHE B 170 -4.34 -7.25 11.69
CA PHE B 170 -3.00 -6.68 11.66
C PHE B 170 -2.06 -7.53 10.77
N ILE B 171 -2.26 -8.83 10.78
CA ILE B 171 -1.41 -9.73 10.01
C ILE B 171 -1.87 -9.72 8.56
N GLU B 172 -3.19 -9.80 8.35
CA GLU B 172 -3.74 -10.00 7.00
C GLU B 172 -3.95 -8.69 6.25
N GLY B 173 -4.14 -7.60 6.98
CA GLY B 173 -4.40 -6.33 6.33
C GLY B 173 -3.28 -5.32 6.47
N THR B 174 -2.92 -4.99 7.71
CA THR B 174 -1.94 -3.96 7.98
C THR B 174 -0.55 -4.36 7.50
N LEU B 175 -0.15 -5.60 7.75
CA LEU B 175 1.19 -6.04 7.39
C LEU B 175 1.49 -5.90 5.89
N PRO B 176 0.59 -6.40 5.00
CA PRO B 176 0.93 -6.18 3.59
C PRO B 176 0.93 -4.73 3.16
N CYS B 177 0.31 -3.84 3.92
CA CYS B 177 0.36 -2.42 3.60
C CYS B 177 1.73 -1.84 3.91
N GLY B 178 2.57 -2.59 4.62
CA GLY B 178 3.87 -2.05 4.98
C GLY B 178 4.99 -2.52 4.06
N VAL B 179 4.62 -3.20 2.98
CA VAL B 179 5.63 -3.73 2.05
C VAL B 179 5.26 -3.28 0.63
N VAL B 180 6.21 -2.71 -0.09
CA VAL B 180 5.92 -2.20 -1.42
C VAL B 180 5.54 -3.33 -2.35
N ARG B 181 6.32 -4.40 -2.35
CA ARG B 181 5.98 -5.57 -3.14
C ARG B 181 4.92 -6.43 -2.45
N PRO B 182 4.14 -7.20 -3.24
CA PRO B 182 3.21 -8.15 -2.64
C PRO B 182 3.97 -9.31 -1.95
N LEU B 183 3.66 -9.61 -0.68
CA LEU B 183 4.27 -10.76 0.01
C LEU B 183 3.74 -12.05 -0.58
N THR B 184 4.56 -13.09 -0.62
CA THR B 184 4.07 -14.36 -1.14
C THR B 184 3.33 -15.10 0.00
N GLU B 185 2.55 -16.14 -0.35
CA GLU B 185 1.89 -16.96 0.66
C GLU B 185 2.86 -17.70 1.57
N VAL B 186 4.04 -18.03 1.08
CA VAL B 186 5.04 -18.67 1.95
C VAL B 186 5.45 -17.65 3.03
N GLU B 187 5.73 -16.42 2.58
CA GLU B 187 6.14 -15.35 3.47
C GLU B 187 5.04 -14.99 4.47
N MET B 188 3.83 -14.84 3.97
CA MET B 188 2.67 -14.61 4.84
C MET B 188 2.47 -15.73 5.85
N ASP B 189 2.66 -16.99 5.48
CA ASP B 189 2.54 -18.09 6.44
C ASP B 189 3.63 -18.02 7.51
N HIS B 190 4.84 -17.61 7.15
CA HIS B 190 5.86 -17.39 8.18
C HIS B 190 5.39 -16.29 9.15
N TYR B 191 4.81 -15.20 8.63
CA TYR B 191 4.33 -14.16 9.55
C TYR B 191 3.10 -14.58 10.37
N ARG B 192 2.26 -15.48 9.82
CA ARG B 192 1.04 -15.98 10.47
C ARG B 192 1.33 -16.97 11.58
N GLU B 193 2.36 -17.80 11.36
CA GLU B 193 2.66 -18.97 12.22
C GLU B 193 2.65 -18.69 13.74
N PRO B 194 3.26 -17.57 14.19
CA PRO B 194 3.20 -17.40 15.65
C PRO B 194 1.82 -17.10 16.20
N PHE B 195 0.87 -16.76 15.35
CA PHE B 195 -0.41 -16.23 15.84
C PHE B 195 -1.63 -17.03 15.38
N LEU B 196 -1.42 -18.29 15.01
CA LEU B 196 -2.54 -19.18 14.63
C LEU B 196 -3.56 -19.32 15.78
N ASN B 197 -3.10 -19.19 17.01
CA ASN B 197 -3.99 -19.06 18.16
C ASN B 197 -4.29 -17.58 18.46
N PRO B 198 -5.54 -17.14 18.31
CA PRO B 198 -5.92 -15.73 18.48
C PRO B 198 -5.59 -15.12 19.86
N VAL B 199 -5.68 -15.88 20.94
CA VAL B 199 -5.40 -15.31 22.25
C VAL B 199 -3.92 -14.85 22.31
N ASP B 200 -3.07 -15.46 21.50
CA ASP B 200 -1.67 -15.08 21.40
C ASP B 200 -1.45 -13.77 20.63
N ARG B 201 -2.54 -13.14 20.16
CA ARG B 201 -2.40 -11.90 19.41
C ARG B 201 -2.41 -10.62 20.28
N GLU B 202 -2.43 -10.77 21.60
CA GLU B 202 -2.40 -9.61 22.50
C GLU B 202 -1.28 -8.62 22.16
N PRO B 203 -0.05 -9.11 21.86
CA PRO B 203 0.95 -8.09 21.55
C PRO B 203 0.63 -7.27 20.27
N LEU B 204 -0.02 -7.91 19.29
CA LEU B 204 -0.32 -7.23 18.04
C LEU B 204 -1.31 -6.13 18.25
N TRP B 205 -2.09 -6.26 19.33
CA TRP B 205 -3.08 -5.25 19.66
C TRP B 205 -2.47 -4.20 20.59
N ARG B 206 -1.65 -4.63 21.56
CA ARG B 206 -1.10 -3.66 22.53
C ARG B 206 -0.05 -2.71 21.89
N PHE B 207 0.77 -3.24 20.98
CA PHE B 207 1.76 -2.42 20.32
C PHE B 207 1.15 -1.17 19.66
N PRO B 208 0.16 -1.32 18.72
CA PRO B 208 -0.39 -0.09 18.14
C PRO B 208 -1.09 0.77 19.18
N ASN B 209 -1.54 0.21 20.29
CA ASN B 209 -2.07 1.03 21.37
C ASN B 209 -0.98 1.74 22.19
N GLU B 210 0.28 1.33 22.01
CA GLU B 210 1.40 1.96 22.69
C GLU B 210 2.05 3.04 21.81
N LEU B 211 1.71 3.07 20.50
CA LEU B 211 2.31 4.05 19.60
C LEU B 211 2.06 5.49 20.08
N PRO B 212 3.14 6.31 20.19
CA PRO B 212 3.03 7.69 20.70
C PRO B 212 2.43 8.65 19.66
N ILE B 213 1.10 8.73 19.64
CA ILE B 213 0.38 9.54 18.64
C ILE B 213 -0.53 10.56 19.31
N ALA B 214 -0.36 11.83 18.93
CA ALA B 214 -1.14 12.94 19.49
C ALA B 214 -1.08 12.93 21.01
N GLY B 215 0.09 12.62 21.56
CA GLY B 215 0.31 12.74 22.99
C GLY B 215 -0.09 11.54 23.84
N GLU B 216 -0.65 10.50 23.24
CA GLU B 216 -1.05 9.33 24.03
C GLU B 216 -0.41 8.06 23.49
N PRO B 217 0.00 7.16 24.40
CA PRO B 217 -0.03 7.30 25.87
C PRO B 217 1.08 8.25 26.33
N ALA B 218 0.84 9.07 27.36
CA ALA B 218 1.81 10.11 27.73
C ALA B 218 3.16 9.50 28.12
N ASN B 219 3.14 8.36 28.80
CA ASN B 219 4.40 7.76 29.25
C ASN B 219 5.24 7.29 28.08
N ILE B 220 4.62 6.77 27.01
CA ILE B 220 5.42 6.29 25.88
C ILE B 220 5.98 7.49 25.13
N VAL B 221 5.17 8.53 24.99
CA VAL B 221 5.62 9.76 24.33
C VAL B 221 6.87 10.34 25.02
N ALA B 222 6.83 10.41 26.35
CA ALA B 222 7.96 10.88 27.13
C ALA B 222 9.19 9.99 26.97
N LEU B 223 9.01 8.67 27.11
CA LEU B 223 10.10 7.72 26.92
C LEU B 223 10.76 7.88 25.53
N VAL B 224 9.94 7.97 24.50
CA VAL B 224 10.43 8.14 23.14
C VAL B 224 11.13 9.51 22.94
N GLU B 225 10.57 10.56 23.51
CA GLU B 225 11.21 11.89 23.45
C GLU B 225 12.57 11.82 24.13
N GLU B 226 12.67 11.05 25.21
CA GLU B 226 13.93 10.89 25.90
C GLU B 226 14.97 10.23 25.00
N TYR B 227 14.63 9.10 24.38
CA TYR B 227 15.73 8.50 23.64
C TYR B 227 16.02 9.29 22.35
N MET B 228 15.05 10.06 21.87
CA MET B 228 15.29 10.91 20.70
C MET B 228 16.23 12.07 21.04
N ASP B 229 16.04 12.68 22.22
CA ASP B 229 17.00 13.66 22.74
C ASP B 229 18.41 13.06 22.88
N TRP B 230 18.45 11.88 23.49
CA TRP B 230 19.72 11.15 23.65
C TRP B 230 20.40 10.96 22.27
N LEU B 231 19.61 10.51 21.29
CA LEU B 231 20.09 10.22 19.93
C LEU B 231 20.58 11.47 19.24
N HIS B 232 19.89 12.60 19.47
CA HIS B 232 20.33 13.84 18.85
C HIS B 232 21.63 14.34 19.43
N GLN B 233 21.95 13.97 20.66
CA GLN B 233 23.24 14.42 21.20
C GLN B 233 24.33 13.29 21.18
N SER B 234 23.95 12.05 20.87
CA SER B 234 24.96 10.95 20.89
C SER B 234 25.93 10.94 19.71
N PRO B 235 27.21 10.67 19.98
CA PRO B 235 28.20 10.53 18.91
C PRO B 235 28.29 9.10 18.35
N VAL B 236 27.39 8.23 18.78
CA VAL B 236 27.45 6.83 18.34
C VAL B 236 27.29 6.79 16.82
N PRO B 237 28.10 5.96 16.15
CA PRO B 237 27.95 5.82 14.71
C PRO B 237 26.53 5.37 14.37
N LYS B 238 25.92 6.03 13.39
CA LYS B 238 24.54 5.77 13.01
C LYS B 238 24.47 5.52 11.52
N LEU B 239 23.69 4.51 11.14
CA LEU B 239 23.41 4.22 9.76
C LEU B 239 21.88 4.14 9.59
N LEU B 240 21.31 5.11 8.88
CA LEU B 240 19.87 5.21 8.70
C LEU B 240 19.45 4.77 7.31
N PHE B 241 18.62 3.72 7.24
CA PHE B 241 18.05 3.32 5.96
C PHE B 241 16.66 3.92 5.84
N TRP B 242 16.32 4.42 4.64
CA TRP B 242 15.00 4.97 4.40
C TRP B 242 14.50 4.66 2.98
N GLY B 243 13.19 4.73 2.80
CA GLY B 243 12.64 4.45 1.50
C GLY B 243 11.60 5.49 1.14
N THR B 244 11.06 5.41 -0.07
CA THR B 244 10.01 6.31 -0.52
C THR B 244 8.78 5.50 -0.83
N PRO B 245 7.60 5.90 -0.29
CA PRO B 245 7.37 7.08 0.56
C PRO B 245 7.70 6.87 2.04
N GLY B 246 7.95 5.63 2.46
CA GLY B 246 8.17 5.34 3.87
C GLY B 246 6.85 5.38 4.61
N VAL B 247 6.85 5.08 5.91
CA VAL B 247 5.65 5.12 6.73
C VAL B 247 5.96 5.95 7.98
N LEU B 248 6.80 5.44 8.87
CA LEU B 248 7.20 6.21 10.03
C LEU B 248 8.22 7.29 9.69
N ILE B 249 9.03 7.08 8.65
CA ILE B 249 10.08 8.05 8.32
C ILE B 249 10.06 8.43 6.85
N PRO B 250 9.24 9.45 6.52
CA PRO B 250 9.22 9.94 5.13
C PRO B 250 10.56 10.60 4.74
N PRO B 251 10.83 10.68 3.42
CA PRO B 251 12.09 11.20 2.86
C PRO B 251 12.49 12.54 3.42
N ALA B 252 11.53 13.42 3.68
CA ALA B 252 11.84 14.75 4.22
C ALA B 252 12.38 14.61 5.65
N GLU B 253 11.76 13.70 6.40
CA GLU B 253 12.22 13.45 7.76
C GLU B 253 13.58 12.78 7.76
N ALA B 254 13.77 11.81 6.86
CA ALA B 254 15.10 11.17 6.71
C ALA B 254 16.16 12.19 6.37
N ALA B 255 15.89 13.07 5.40
CA ALA B 255 16.88 14.10 5.03
C ALA B 255 17.22 14.95 6.25
N ARG B 256 16.18 15.38 6.96
CA ARG B 256 16.36 16.17 8.17
C ARG B 256 17.27 15.46 9.21
N LEU B 257 17.01 14.18 9.48
CA LEU B 257 17.81 13.41 10.43
C LEU B 257 19.24 13.20 9.93
N ALA B 258 19.39 13.00 8.63
CA ALA B 258 20.70 12.86 8.02
C ALA B 258 21.52 14.10 8.34
N LYS B 259 20.88 15.27 8.40
CA LYS B 259 21.70 16.44 8.72
C LYS B 259 21.87 16.66 10.22
N SER B 260 20.83 16.47 11.02
CA SER B 260 20.91 16.77 12.45
C SER B 260 21.58 15.70 13.31
N LEU B 261 21.49 14.42 12.96
CA LEU B 261 22.09 13.41 13.82
C LEU B 261 23.62 13.32 13.68
N PRO B 262 24.36 13.37 14.80
CA PRO B 262 25.81 13.26 14.67
C PRO B 262 26.26 11.93 14.04
N ASN B 263 27.33 11.94 13.25
CA ASN B 263 27.99 10.70 12.85
C ASN B 263 27.01 9.75 12.18
N CYS B 264 26.24 10.31 11.26
CA CYS B 264 25.15 9.57 10.65
C CYS B 264 25.29 9.46 9.14
N LYS B 265 25.21 8.24 8.66
CA LYS B 265 25.16 8.00 7.23
C LYS B 265 23.74 7.55 6.89
N ALA B 266 23.12 8.16 5.90
CA ALA B 266 21.78 7.78 5.49
C ALA B 266 21.86 7.13 4.11
N VAL B 267 21.13 6.02 3.95
CA VAL B 267 21.06 5.24 2.72
C VAL B 267 19.62 5.10 2.22
N ASP B 268 19.45 5.55 0.98
CA ASP B 268 18.19 5.43 0.23
C ASP B 268 18.02 4.02 -0.33
N ILE B 269 17.00 3.28 0.10
CA ILE B 269 16.88 1.89 -0.37
C ILE B 269 15.98 1.81 -1.60
N GLY B 270 15.48 2.97 -2.03
CA GLY B 270 14.57 3.04 -3.15
C GLY B 270 13.13 3.03 -2.63
N PRO B 271 12.24 2.36 -3.33
CA PRO B 271 10.84 2.26 -2.89
C PRO B 271 10.71 1.47 -1.60
N GLY B 272 9.95 2.00 -0.65
CA GLY B 272 9.81 1.33 0.62
C GLY B 272 8.70 1.97 1.44
N LEU B 273 8.13 1.18 2.34
CA LEU B 273 7.10 1.68 3.23
C LEU B 273 7.60 1.51 4.70
N ASN B 274 7.22 0.42 5.36
CA ASN B 274 7.69 0.20 6.72
C ASN B 274 8.70 -0.95 6.80
N LEU B 275 8.35 -2.12 6.27
CA LEU B 275 9.27 -3.26 6.31
C LEU B 275 10.29 -3.17 5.17
N LEU B 276 11.25 -2.25 5.30
CA LEU B 276 12.23 -2.02 4.25
C LEU B 276 13.03 -3.29 3.94
N GLN B 277 13.21 -4.15 4.95
CA GLN B 277 13.92 -5.43 4.81
C GLN B 277 13.29 -6.31 3.73
N GLU B 278 11.99 -6.19 3.55
CA GLU B 278 11.34 -7.03 2.55
C GLU B 278 11.45 -6.43 1.14
N ASP B 279 11.79 -5.15 1.04
CA ASP B 279 11.82 -4.58 -0.28
C ASP B 279 13.23 -4.51 -0.82
N ASN B 280 14.24 -4.29 0.03
CA ASN B 280 15.63 -4.29 -0.46
C ASN B 280 16.60 -4.84 0.56
N PRO B 281 16.47 -6.15 0.88
CA PRO B 281 17.37 -6.72 1.89
C PRO B 281 18.86 -6.72 1.48
N ASP B 282 19.16 -6.92 0.21
CA ASP B 282 20.55 -6.99 -0.22
C ASP B 282 21.30 -5.67 0.00
N LEU B 283 20.68 -4.55 -0.36
CA LEU B 283 21.32 -3.26 -0.14
C LEU B 283 21.47 -3.01 1.36
N ILE B 284 20.46 -3.33 2.16
CA ILE B 284 20.53 -3.13 3.62
C ILE B 284 21.65 -4.01 4.26
N GLY B 285 21.69 -5.28 3.92
CA GLY B 285 22.68 -6.14 4.49
C GLY B 285 24.08 -5.74 4.06
N SER B 286 24.24 -5.51 2.76
CA SER B 286 25.52 -5.09 2.17
C SER B 286 26.06 -3.77 2.79
N GLU B 287 25.17 -2.78 2.90
CA GLU B 287 25.55 -1.52 3.49
C GLU B 287 25.91 -1.69 4.98
N ILE B 288 25.18 -2.56 5.70
CA ILE B 288 25.51 -2.82 7.10
C ILE B 288 26.91 -3.48 7.21
N ALA B 289 27.18 -4.48 6.36
CA ALA B 289 28.50 -5.14 6.39
C ALA B 289 29.63 -4.12 6.20
N ARG B 290 29.49 -3.33 5.14
CA ARG B 290 30.46 -2.27 4.82
C ARG B 290 30.68 -1.30 5.99
N TRP B 291 29.57 -0.82 6.56
CA TRP B 291 29.56 0.11 7.69
C TRP B 291 30.23 -0.44 8.94
N LEU B 292 29.94 -1.70 9.26
CA LEU B 292 30.59 -2.37 10.40
C LEU B 292 32.09 -2.34 10.25
N SER B 293 32.59 -2.61 9.04
CA SER B 293 34.06 -2.56 8.86
C SER B 293 34.70 -1.21 9.24
N THR B 294 33.90 -0.15 9.29
CA THR B 294 34.39 1.18 9.68
C THR B 294 34.34 1.45 11.20
N LEU B 295 33.78 0.54 11.98
CA LEU B 295 33.46 0.83 13.38
C LEU B 295 34.59 0.47 14.34
N GLU B 296 34.53 0.99 15.55
CA GLU B 296 35.41 0.58 16.64
C GLU B 296 35.02 -0.78 17.27
N ILE B 297 35.38 -1.88 16.62
CA ILE B 297 35.07 -3.23 17.09
C ILE B 297 36.33 -3.94 17.57
C10 8LL C . -13.46 2.87 1.55
C13 8LL C . -11.60 1.83 4.44
C21 8LL C . -10.62 7.96 -6.21
C24 8LL C . -15.44 5.12 -5.68
C26 8LL C . -14.83 4.87 -8.24
C01 8LL C . -11.14 3.21 2.43
C02 8LL C . -9.97 4.03 2.53
C03 8LL C . -9.89 5.26 1.89
C04 8LL C . -10.99 5.72 1.13
C05 8LL C . -12.19 4.90 1.03
C06 8LL C . -12.28 3.68 1.66
C07 8LL C . -13.31 5.39 0.26
C08 8LL C . -14.46 4.59 0.16
C09 8LL C . -14.55 3.33 0.81
N11 8LL C . -11.17 1.92 3.12
C12 8LL C . -10.76 0.72 2.44
S14 8LL C . -13.24 6.98 -0.59
O15 8LL C . -12.33 7.96 -0.08
O16 8LL C . -14.49 7.66 -0.42
N17 8LL C . -12.86 6.67 -2.22
C18 8LL C . -11.63 7.23 -2.67
C19 8LL C . -11.28 6.83 -4.17
O20 8LL C . -10.93 8.03 -4.82
C23 8LL C . -14.82 5.81 -4.43
C25 8LL C . -15.17 5.84 -7.04
CL CL D . -17.83 8.06 -8.54
C10 8LL E . 1.14 6.05 6.50
C13 8LL E . 1.16 7.58 3.61
C21 8LL E . 3.47 -2.86 9.79
C24 8LL E . 3.38 1.64 12.45
C26 8LL E . 5.58 0.13 12.85
C01 8LL E . 1.57 5.18 4.16
C02 8LL E . 1.57 4.07 3.26
C03 8LL E . 1.18 2.80 3.65
C04 8LL E . 0.79 2.58 4.98
C05 8LL E . 0.78 3.70 5.93
C06 8LL E . 1.15 4.97 5.54
C07 8LL E . 0.36 3.41 7.30
C08 8LL E . 0.36 4.47 8.20
C09 8LL E . 0.74 5.79 7.82
N11 8LL E . 1.98 6.46 3.58
C12 8LL E . 3.22 6.57 2.90
S14 8LL E . -0.14 1.75 7.84
O15 8LL E . -0.77 0.93 6.88
O16 8LL E . -1.24 2.03 8.70
N17 8LL E . 1.21 0.89 8.51
C18 8LL E . 1.61 -0.43 8.05
C19 8LL E . 3.14 -0.83 8.40
O20 8LL E . 3.40 -2.27 8.49
C23 8LL E . 2.47 1.07 11.33
C25 8LL E . 4.13 0.54 13.28
CL CL F . 2.36 -1.12 15.98
#